data_3IES
#
_entry.id   3IES
#
_cell.length_a   83.654
_cell.length_b   83.654
_cell.length_c   97.100
_cell.angle_alpha   90.000
_cell.angle_beta   90.000
_cell.angle_gamma   90.000
#
_symmetry.space_group_name_H-M   'P 41'
#
loop_
_entity.id
_entity.type
_entity.pdbx_description
1 polymer 'Luciferin 4-monooxygenase'
2 non-polymer "5'-O-[(R)-[({3-[5-(2-fluorophenyl)-1,2,4-oxadiazol-3-yl]phenyl}carbonyl)oxy](hydroxy)phosphoryl]adenosine"
3 water water
#
_entity_poly.entity_id   1
_entity_poly.type   'polypeptide(L)'
_entity_poly.pdbx_seq_one_letter_code
;MEDAKNIKKGPAPFYPLEDGTAGEQLHKAMKRYALVPGTIAFTDAHIEVNITYAEYFEMSVRLAEAMKRYGLNTNHRIVV
CSENSLQFFMPVLGALFIGVAVAPANDIYNERELLNSMNISQPTVVFVSKKGLQKILNVQKKLPIIQKIIIMDSKTDYQG
FQSMYTFVTSHLPPGFNEYDFVPESFDRDKTIALIMNSSGSTGLPKGVALPHRTACVRFSHARDPIFGNQIIPDTAILSV
VPFHHGFGMFTTLGYLICGFRVVLMYRFEEELFLRSLQDYKIQSALLVPTLFSFFAKSTLIDKYDLSNLHEIASGGAPLS
KEVGEAVAKRFHLPGIRQGYGLTETTSAILITPEGDDKPGAVGKVVPFFEAKVVDLDTGKTLGVNQRGELCVRGPMIMSG
YVNNPEATNALIDKDGWLHSGDIAYWDEDEHFFIVDRLKSLIKYKGYQVAPAELESILLQHPNIFDAGVAGLPDDDAGEL
PAAVVVLEHGKTMTEKEIVDYVASQVTTAKKLRGGVVFVDEVPKGLTGKLDARKIREILIKAKKGGKSKLV
;
_entity_poly.pdbx_strand_id   A
#
# COMPACT_ATOMS: atom_id res chain seq x y z
N ASP A 3 -18.61 -27.21 -5.81
CA ASP A 3 -18.46 -27.19 -7.28
C ASP A 3 -17.30 -26.28 -7.74
N ALA A 4 -16.17 -26.92 -8.02
CA ALA A 4 -14.96 -26.23 -8.40
C ALA A 4 -15.20 -25.25 -9.54
N LYS A 5 -16.05 -25.63 -10.49
CA LYS A 5 -16.29 -24.80 -11.66
C LYS A 5 -16.79 -23.42 -11.26
N ASN A 6 -17.33 -23.33 -10.05
CA ASN A 6 -17.92 -22.11 -9.57
C ASN A 6 -17.01 -21.35 -8.58
N ILE A 7 -15.78 -21.84 -8.40
CA ILE A 7 -14.79 -21.16 -7.55
C ILE A 7 -13.85 -20.57 -8.54
N LYS A 8 -13.79 -19.25 -8.62
CA LYS A 8 -12.87 -18.62 -9.57
C LYS A 8 -11.47 -18.55 -8.96
N LYS A 9 -10.47 -18.97 -9.72
CA LYS A 9 -9.12 -19.08 -9.24
C LYS A 9 -8.22 -18.20 -10.10
N GLY A 10 -7.24 -17.54 -9.51
CA GLY A 10 -6.32 -16.75 -10.31
C GLY A 10 -5.38 -17.68 -11.06
N PRO A 11 -4.82 -17.20 -12.16
CA PRO A 11 -3.88 -18.08 -12.80
C PRO A 11 -2.51 -18.10 -12.11
N ALA A 12 -1.58 -18.85 -12.71
CA ALA A 12 -0.22 -18.92 -12.20
C ALA A 12 0.46 -17.55 -12.31
N PRO A 13 1.23 -17.15 -11.30
CA PRO A 13 1.97 -15.90 -11.43
C PRO A 13 2.90 -15.96 -12.62
N PHE A 14 3.00 -14.87 -13.36
CA PHE A 14 3.95 -14.82 -14.45
C PHE A 14 5.33 -15.17 -13.90
N TYR A 15 5.67 -14.62 -12.73
CA TYR A 15 6.90 -14.99 -12.04
C TYR A 15 6.62 -15.69 -10.71
N PRO A 16 7.37 -16.75 -10.44
CA PRO A 16 7.15 -17.49 -9.21
C PRO A 16 7.33 -16.61 -7.98
N LEU A 17 6.66 -16.98 -6.90
CA LEU A 17 6.81 -16.31 -5.65
C LEU A 17 8.22 -16.45 -5.09
N GLU A 18 8.92 -15.31 -4.94
CA GLU A 18 10.27 -15.25 -4.35
C GLU A 18 10.29 -15.66 -2.88
N ASP A 19 11.37 -16.33 -2.48
CA ASP A 19 11.61 -16.63 -1.09
C ASP A 19 12.07 -15.34 -0.39
N GLY A 20 12.06 -15.39 0.92
CA GLY A 20 12.59 -14.30 1.73
C GLY A 20 11.50 -13.42 2.31
N THR A 21 11.87 -12.58 3.27
CA THR A 21 10.89 -11.71 3.87
C THR A 21 10.59 -10.57 2.90
N ALA A 22 9.56 -9.80 3.21
CA ALA A 22 9.24 -8.59 2.43
C ALA A 22 10.43 -7.63 2.51
N GLY A 23 11.06 -7.57 3.67
CA GLY A 23 12.24 -6.73 3.85
C GLY A 23 13.38 -7.13 2.94
N GLU A 24 13.64 -8.43 2.87
CA GLU A 24 14.75 -8.90 2.07
C GLU A 24 14.49 -8.65 0.60
N GLN A 25 13.24 -8.82 0.19
CA GLN A 25 12.91 -8.64 -1.22
C GLN A 25 13.03 -7.17 -1.65
N LEU A 26 12.53 -6.26 -0.82
CA LEU A 26 12.67 -4.83 -1.04
C LEU A 26 14.12 -4.39 -0.97
N HIS A 27 14.86 -4.93 0.00
CA HIS A 27 16.27 -4.60 0.15
C HIS A 27 17.05 -4.97 -1.13
N LYS A 28 16.80 -6.17 -1.61
CA LYS A 28 17.53 -6.67 -2.77
C LYS A 28 17.23 -5.84 -4.02
N ALA A 29 15.96 -5.55 -4.26
CA ALA A 29 15.60 -4.75 -5.42
C ALA A 29 16.19 -3.34 -5.33
N MET A 30 15.97 -2.71 -4.20
CA MET A 30 16.40 -1.33 -4.05
C MET A 30 17.90 -1.17 -4.09
N LYS A 31 18.63 -2.19 -3.65
CA LYS A 31 20.08 -2.14 -3.74
C LYS A 31 20.51 -2.07 -5.20
N ARG A 32 19.81 -2.80 -6.05
CA ARG A 32 20.13 -2.81 -7.47
C ARG A 32 19.90 -1.43 -8.12
N TYR A 33 18.76 -0.83 -7.81
CA TYR A 33 18.44 0.46 -8.36
C TYR A 33 19.37 1.56 -7.83
N ALA A 34 19.78 1.44 -6.57
CA ALA A 34 20.69 2.35 -5.93
C ALA A 34 22.04 2.43 -6.62
N LEU A 35 22.43 1.37 -7.30
CA LEU A 35 23.74 1.31 -7.93
C LEU A 35 23.70 1.99 -9.31
N VAL A 36 22.54 2.51 -9.68
CA VAL A 36 22.43 3.29 -10.91
C VAL A 36 22.06 4.69 -10.54
N PRO A 37 23.05 5.59 -10.59
CA PRO A 37 22.90 6.96 -10.12
C PRO A 37 21.83 7.75 -10.90
N GLY A 38 21.06 8.55 -10.20
CA GLY A 38 20.02 9.35 -10.84
C GLY A 38 18.70 8.60 -10.97
N THR A 39 18.65 7.33 -10.56
CA THR A 39 17.37 6.63 -10.65
C THR A 39 16.42 7.19 -9.57
N ILE A 40 15.29 7.73 -9.99
CA ILE A 40 14.38 8.43 -9.07
C ILE A 40 13.34 7.52 -8.39
N ALA A 41 13.35 7.51 -7.06
CA ALA A 41 12.38 6.72 -6.30
C ALA A 41 11.11 7.52 -6.03
N PHE A 42 11.24 8.73 -5.48
CA PHE A 42 10.07 9.59 -5.19
C PHE A 42 10.30 11.04 -5.65
N THR A 43 9.22 11.69 -6.05
CA THR A 43 9.24 13.08 -6.43
C THR A 43 8.07 13.70 -5.74
N ASP A 44 8.30 14.79 -5.02
CA ASP A 44 7.22 15.55 -4.40
C ASP A 44 6.77 16.65 -5.38
N ALA A 45 5.56 16.52 -5.90
CA ALA A 45 5.06 17.41 -6.94
C ALA A 45 4.82 18.83 -6.45
N HIS A 46 4.66 18.98 -5.13
CA HIS A 46 4.45 20.30 -4.53
C HIS A 46 5.73 21.10 -4.35
N ILE A 47 6.79 20.46 -3.86
CA ILE A 47 8.05 21.17 -3.59
C ILE A 47 9.10 20.85 -4.67
N GLU A 48 8.75 19.92 -5.55
CA GLU A 48 9.52 19.63 -6.74
C GLU A 48 10.76 18.80 -6.56
N VAL A 49 11.07 18.43 -5.33
CA VAL A 49 12.29 17.71 -5.03
C VAL A 49 12.20 16.22 -5.38
N ASN A 50 13.29 15.72 -5.93
CA ASN A 50 13.45 14.31 -6.26
C ASN A 50 14.38 13.62 -5.27
N ILE A 51 14.10 12.35 -4.99
CA ILE A 51 15.04 11.56 -4.21
C ILE A 51 15.29 10.25 -4.93
N THR A 52 16.57 9.91 -5.07
CA THR A 52 17.00 8.75 -5.85
C THR A 52 16.94 7.46 -5.02
N TYR A 53 17.04 6.34 -5.73
CA TYR A 53 17.10 5.02 -5.06
C TYR A 53 18.32 4.90 -4.16
N ALA A 54 19.43 5.47 -4.58
CA ALA A 54 20.63 5.41 -3.75
C ALA A 54 20.41 6.13 -2.41
N GLU A 55 19.85 7.36 -2.44
CA GLU A 55 19.56 8.06 -1.22
C GLU A 55 18.55 7.26 -0.37
N TYR A 56 17.54 6.67 -1.02
CA TYR A 56 16.45 5.99 -0.29
C TYR A 56 16.96 4.74 0.39
N PHE A 57 17.67 3.94 -0.38
CA PHE A 57 18.33 2.72 0.07
C PHE A 57 19.28 2.98 1.22
N GLU A 58 20.20 3.93 1.03
CA GLU A 58 21.16 4.21 2.08
C GLU A 58 20.48 4.68 3.34
N MET A 59 19.50 5.58 3.24
CA MET A 59 18.85 6.05 4.46
C MET A 59 17.97 4.99 5.14
N SER A 60 17.31 4.15 4.35
CA SER A 60 16.48 3.07 4.89
C SER A 60 17.34 2.00 5.60
N VAL A 61 18.49 1.66 5.01
CA VAL A 61 19.45 0.77 5.67
C VAL A 61 20.02 1.38 6.98
N ARG A 62 20.42 2.64 6.92
CA ARG A 62 20.93 3.35 8.10
C ARG A 62 19.85 3.41 9.20
N LEU A 63 18.59 3.59 8.83
CA LEU A 63 17.53 3.60 9.84
C LEU A 63 17.29 2.23 10.43
N ALA A 64 17.41 1.20 9.60
CA ALA A 64 17.27 -0.18 10.03
C ALA A 64 18.33 -0.49 11.08
N GLU A 65 19.59 -0.16 10.76
CA GLU A 65 20.69 -0.44 11.68
C GLU A 65 20.55 0.38 12.96
N ALA A 66 20.19 1.66 12.83
CA ALA A 66 20.01 2.51 14.01
C ALA A 66 18.90 1.98 14.94
N MET A 67 17.77 1.58 14.35
CA MET A 67 16.70 1.03 15.14
C MET A 67 17.15 -0.23 15.89
N LYS A 68 17.90 -1.07 15.18
CA LYS A 68 18.47 -2.29 15.75
CA LYS A 68 18.42 -2.28 15.78
C LYS A 68 19.37 -1.92 16.94
N ARG A 69 20.26 -0.95 16.73
CA ARG A 69 21.20 -0.56 17.77
C ARG A 69 20.50 0.11 18.95
N TYR A 70 19.41 0.81 18.68
CA TYR A 70 18.63 1.41 19.74
C TYR A 70 18.00 0.31 20.62
N GLY A 71 17.77 -0.87 20.06
CA GLY A 71 17.21 -1.97 20.80
C GLY A 71 15.90 -2.51 20.26
N LEU A 72 15.48 -2.06 19.07
CA LEU A 72 14.26 -2.58 18.48
C LEU A 72 14.47 -3.92 17.81
N ASN A 73 13.53 -4.85 18.02
CA ASN A 73 13.55 -6.18 17.38
C ASN A 73 12.12 -6.67 17.06
N THR A 74 11.93 -7.94 16.72
CA THR A 74 10.58 -8.40 16.32
C THR A 74 9.52 -8.25 17.42
N ASN A 75 9.91 -7.95 18.64
CA ASN A 75 8.91 -7.74 19.69
C ASN A 75 8.34 -6.33 19.77
N HIS A 76 8.81 -5.45 18.88
CA HIS A 76 8.39 -4.06 18.95
C HIS A 76 7.60 -3.63 17.71
N ARG A 77 6.86 -2.55 17.86
CA ARG A 77 6.23 -1.88 16.74
C ARG A 77 6.66 -0.43 16.72
N ILE A 78 6.62 0.15 15.52
CA ILE A 78 6.71 1.59 15.35
C ILE A 78 5.43 2.08 14.70
N VAL A 79 5.11 3.35 14.95
CA VAL A 79 4.07 4.03 14.21
C VAL A 79 4.72 5.01 13.22
N VAL A 80 4.09 5.17 12.06
CA VAL A 80 4.52 6.20 11.10
C VAL A 80 3.28 7.03 10.88
N CYS A 81 3.34 8.29 11.28
CA CYS A 81 2.20 9.18 11.17
C CYS A 81 2.56 10.44 10.37
N SER A 82 2.12 10.47 9.11
CA SER A 82 2.55 11.50 8.17
C SER A 82 1.69 11.52 6.92
N GLU A 83 1.42 12.72 6.45
CA GLU A 83 0.94 12.95 5.11
C GLU A 83 1.94 12.31 4.10
N ASN A 84 1.51 12.05 2.87
CA ASN A 84 2.42 11.59 1.83
C ASN A 84 3.60 12.57 1.75
N SER A 85 4.82 12.03 1.66
CA SER A 85 6.00 12.82 1.67
C SER A 85 7.14 11.99 1.14
N LEU A 86 8.23 12.64 0.78
CA LEU A 86 9.44 11.93 0.36
C LEU A 86 9.98 10.99 1.43
N GLN A 87 9.77 11.33 2.69
CA GLN A 87 10.34 10.60 3.83
C GLN A 87 9.49 9.43 4.34
N PHE A 88 8.24 9.39 3.88
CA PHE A 88 7.27 8.47 4.47
C PHE A 88 7.77 7.04 4.57
N PHE A 89 8.33 6.55 3.45
CA PHE A 89 8.76 5.14 3.35
C PHE A 89 10.10 4.78 3.98
N MET A 90 10.84 5.78 4.42
CA MET A 90 12.13 5.49 5.06
C MET A 90 12.01 4.62 6.30
N PRO A 91 11.18 5.02 7.27
CA PRO A 91 11.03 4.18 8.44
C PRO A 91 10.25 2.89 8.15
N VAL A 92 9.35 2.91 7.18
CA VAL A 92 8.65 1.69 6.77
C VAL A 92 9.65 0.65 6.31
N LEU A 93 10.51 1.03 5.37
CA LEU A 93 11.53 0.12 4.81
C LEU A 93 12.51 -0.31 5.86
N GLY A 94 13.00 0.65 6.67
CA GLY A 94 13.93 0.33 7.73
C GLY A 94 13.41 -0.74 8.68
N ALA A 95 12.17 -0.57 9.11
CA ALA A 95 11.52 -1.53 10.01
C ALA A 95 11.29 -2.90 9.34
N LEU A 96 10.88 -2.92 8.07
CA LEU A 96 10.68 -4.17 7.35
C LEU A 96 12.00 -4.94 7.25
N PHE A 97 13.11 -4.20 7.10
CA PHE A 97 14.42 -4.75 7.01
C PHE A 97 14.80 -5.50 8.29
N ILE A 98 14.23 -5.13 9.44
CA ILE A 98 14.64 -5.77 10.69
C ILE A 98 13.49 -6.44 11.43
N GLY A 99 12.34 -6.61 10.77
CA GLY A 99 11.24 -7.40 11.35
C GLY A 99 10.43 -6.68 12.41
N VAL A 100 10.52 -5.35 12.41
CA VAL A 100 9.78 -4.54 13.35
C VAL A 100 8.48 -4.14 12.64
N ALA A 101 7.34 -4.44 13.26
CA ALA A 101 6.05 -4.17 12.65
C ALA A 101 5.78 -2.67 12.56
N VAL A 102 5.23 -2.27 11.43
CA VAL A 102 4.94 -0.88 11.15
C VAL A 102 3.44 -0.69 11.17
N ALA A 103 2.99 0.28 11.98
CA ALA A 103 1.58 0.65 12.08
C ALA A 103 1.39 2.07 11.60
N PRO A 104 0.96 2.22 10.35
CA PRO A 104 0.72 3.55 9.82
C PRO A 104 -0.52 4.13 10.45
N ALA A 105 -0.46 5.38 10.87
CA ALA A 105 -1.60 6.03 11.51
C ALA A 105 -2.05 7.19 10.65
N ASN A 106 -3.30 7.11 10.23
CA ASN A 106 -3.96 8.17 9.48
C ASN A 106 -3.63 9.54 10.06
N ASP A 107 -3.05 10.40 9.23
CA ASP A 107 -2.58 11.68 9.70
C ASP A 107 -3.71 12.71 9.74
N ILE A 108 -4.93 12.35 9.33
CA ILE A 108 -6.09 13.25 9.60
C ILE A 108 -6.97 12.75 10.75
N TYR A 109 -6.64 11.59 11.31
CA TYR A 109 -7.26 11.21 12.56
C TYR A 109 -7.15 12.38 13.56
N ASN A 110 -8.15 12.53 14.41
CA ASN A 110 -8.01 13.42 15.55
C ASN A 110 -7.42 12.63 16.72
N GLU A 111 -7.08 13.33 17.80
CA GLU A 111 -6.42 12.73 18.96
C GLU A 111 -7.12 11.45 19.44
N ARG A 112 -8.43 11.35 19.19
CA ARG A 112 -9.20 10.22 19.67
C ARG A 112 -9.04 8.98 18.81
N GLU A 113 -9.17 9.13 17.50
CA GLU A 113 -9.03 7.99 16.61
C GLU A 113 -7.57 7.58 16.63
N LEU A 114 -6.71 8.57 16.83
CA LEU A 114 -5.28 8.37 16.91
C LEU A 114 -4.95 7.56 18.15
N LEU A 115 -5.52 7.97 19.28
CA LEU A 115 -5.34 7.21 20.50
C LEU A 115 -5.82 5.77 20.29
N ASN A 116 -7.00 5.60 19.67
CA ASN A 116 -7.54 4.24 19.46
C ASN A 116 -6.57 3.43 18.58
N SER A 117 -6.12 4.03 17.49
CA SER A 117 -5.15 3.36 16.65
C SER A 117 -3.90 2.90 17.37
N MET A 118 -3.27 3.82 18.10
CA MET A 118 -1.96 3.55 18.75
C MET A 118 -2.10 2.75 20.04
N ASN A 119 -3.29 2.77 20.62
CA ASN A 119 -3.59 1.88 21.71
C ASN A 119 -3.64 0.43 21.24
N ILE A 120 -4.13 0.20 20.03
CA ILE A 120 -4.13 -1.14 19.46
C ILE A 120 -2.73 -1.55 19.03
N SER A 121 -1.99 -0.65 18.40
CA SER A 121 -0.67 -1.03 17.86
C SER A 121 0.45 -1.03 18.90
N GLN A 122 0.31 -0.21 19.95
CA GLN A 122 1.25 -0.21 21.09
C GLN A 122 2.73 -0.03 20.66
N PRO A 123 3.04 1.09 19.99
CA PRO A 123 4.39 1.35 19.47
C PRO A 123 5.40 1.79 20.53
N THR A 124 6.65 1.43 20.34
CA THR A 124 7.71 1.88 21.20
C THR A 124 8.28 3.21 20.70
N VAL A 125 8.30 3.37 19.37
CA VAL A 125 8.83 4.55 18.73
C VAL A 125 7.82 5.05 17.73
N VAL A 126 7.65 6.36 17.70
CA VAL A 126 6.74 7.00 16.77
C VAL A 126 7.50 7.93 15.83
N PHE A 127 7.36 7.70 14.53
CA PHE A 127 7.91 8.58 13.51
C PHE A 127 6.75 9.46 13.08
N VAL A 128 6.94 10.76 13.10
CA VAL A 128 5.84 11.67 12.79
C VAL A 128 6.34 12.87 12.01
N SER A 129 5.53 13.41 11.10
CA SER A 129 5.87 14.68 10.47
C SER A 129 5.77 15.85 11.50
N LYS A 130 6.41 16.95 11.16
CA LYS A 130 6.40 18.13 12.00
C LYS A 130 4.96 18.47 12.37
N LYS A 131 4.08 18.42 11.38
CA LYS A 131 2.72 18.90 11.59
C LYS A 131 1.82 17.95 12.41
N GLY A 132 2.29 16.74 12.65
CA GLY A 132 1.61 15.80 13.52
C GLY A 132 2.22 15.72 14.90
N LEU A 133 3.27 16.47 15.18
CA LEU A 133 3.98 16.34 16.45
C LEU A 133 3.10 16.63 17.68
N GLN A 134 2.26 17.67 17.61
CA GLN A 134 1.42 18.01 18.76
C GLN A 134 0.40 16.92 19.11
N LYS A 135 -0.23 16.36 18.09
CA LYS A 135 -1.19 15.27 18.26
C LYS A 135 -0.51 14.08 18.94
N ILE A 136 0.69 13.76 18.48
CA ILE A 136 1.44 12.67 19.09
C ILE A 136 1.84 12.97 20.52
N LEU A 137 2.28 14.20 20.81
CA LEU A 137 2.66 14.53 22.19
C LEU A 137 1.45 14.33 23.12
N ASN A 138 0.27 14.73 22.64
CA ASN A 138 -0.95 14.55 23.41
C ASN A 138 -1.32 13.06 23.62
N VAL A 139 -1.26 12.24 22.57
CA VAL A 139 -1.49 10.80 22.72
C VAL A 139 -0.49 10.14 23.70
N GLN A 140 0.76 10.59 23.65
CA GLN A 140 1.86 9.96 24.39
C GLN A 140 1.56 10.06 25.88
N LYS A 141 0.92 11.16 26.25
CA LYS A 141 0.49 11.42 27.63
C LYS A 141 -0.42 10.32 28.18
N LYS A 142 -1.02 9.54 27.28
CA LYS A 142 -1.92 8.47 27.68
C LYS A 142 -1.36 7.11 27.33
N LEU A 143 -0.32 7.06 26.51
CA LEU A 143 0.25 5.78 26.07
C LEU A 143 1.75 5.78 26.35
N PRO A 144 2.13 5.35 27.58
CA PRO A 144 3.47 5.63 28.05
C PRO A 144 4.46 4.67 27.41
N ILE A 145 3.96 3.67 26.72
CA ILE A 145 4.84 2.77 26.00
C ILE A 145 5.63 3.51 24.91
N ILE A 146 5.10 4.64 24.45
CA ILE A 146 5.80 5.44 23.46
C ILE A 146 6.99 6.11 24.13
N GLN A 147 8.18 5.54 23.93
CA GLN A 147 9.43 6.04 24.56
C GLN A 147 10.16 7.08 23.76
N LYS A 148 9.86 7.16 22.48
CA LYS A 148 10.71 7.96 21.60
C LYS A 148 9.90 8.45 20.40
N ILE A 149 10.06 9.73 20.10
CA ILE A 149 9.39 10.37 18.98
C ILE A 149 10.46 10.94 18.05
N ILE A 150 10.38 10.58 16.78
CA ILE A 150 11.34 11.03 15.80
C ILE A 150 10.65 11.79 14.70
N ILE A 151 11.21 12.94 14.34
CA ILE A 151 10.62 13.81 13.33
C ILE A 151 11.10 13.44 11.94
N MET A 152 10.16 13.18 11.04
CA MET A 152 10.45 12.67 9.71
C MET A 152 10.95 13.71 8.71
N ASP A 153 10.30 14.84 8.68
CA ASP A 153 10.56 15.78 7.61
C ASP A 153 11.39 16.97 8.10
N SER A 154 12.42 16.67 8.89
CA SER A 154 13.39 17.65 9.33
C SER A 154 14.79 17.11 9.11
N LYS A 155 15.76 18.00 8.90
CA LYS A 155 17.15 17.53 8.80
C LYS A 155 17.83 17.56 10.16
N THR A 156 17.78 18.71 10.83
CA THR A 156 18.27 18.86 12.19
C THR A 156 17.22 18.39 13.19
N ASP A 157 17.58 18.38 14.48
CA ASP A 157 16.62 18.23 15.55
C ASP A 157 15.53 19.28 15.37
N TYR A 158 14.33 18.98 15.85
CA TYR A 158 13.16 19.84 15.71
C TYR A 158 12.40 19.86 17.02
N GLN A 159 12.41 21.03 17.65
CA GLN A 159 11.72 21.26 18.90
C GLN A 159 12.11 20.28 19.97
N GLY A 160 13.39 19.97 20.05
CA GLY A 160 13.89 19.08 21.08
C GLY A 160 13.84 17.59 20.71
N PHE A 161 13.27 17.28 19.55
CA PHE A 161 13.17 15.89 19.11
C PHE A 161 14.17 15.59 18.02
N GLN A 162 14.71 14.39 18.00
CA GLN A 162 15.65 14.07 16.92
C GLN A 162 14.92 13.91 15.62
N SER A 163 15.59 14.19 14.51
CA SER A 163 15.08 13.84 13.21
C SER A 163 15.57 12.43 12.92
N MET A 164 15.19 11.91 11.76
CA MET A 164 15.63 10.58 11.39
C MET A 164 17.14 10.62 11.23
N TYR A 165 17.61 11.73 10.66
CA TYR A 165 19.05 11.93 10.42
C TYR A 165 19.89 11.96 11.71
N THR A 166 19.49 12.74 12.71
CA THR A 166 20.29 12.80 13.92
C THR A 166 20.10 11.55 14.81
N PHE A 167 18.93 10.94 14.75
CA PHE A 167 18.74 9.66 15.40
C PHE A 167 19.74 8.64 14.88
N VAL A 168 19.83 8.54 13.56
CA VAL A 168 20.75 7.61 12.93
C VAL A 168 22.20 7.87 13.32
N THR A 169 22.63 9.14 13.24
CA THR A 169 23.96 9.52 13.67
C THR A 169 24.24 9.16 15.14
N SER A 170 23.22 9.19 15.97
CA SER A 170 23.34 8.80 17.37
C SER A 170 23.57 7.33 17.61
N HIS A 171 23.16 6.49 16.68
CA HIS A 171 23.19 5.08 16.97
C HIS A 171 24.04 4.21 16.02
N LEU A 172 24.49 4.77 14.89
CA LEU A 172 25.22 3.92 13.94
C LEU A 172 26.62 3.58 14.44
N PRO A 173 27.05 2.33 14.26
CA PRO A 173 28.42 2.01 14.65
C PRO A 173 29.43 2.74 13.78
N PRO A 174 30.65 2.92 14.32
CA PRO A 174 31.67 3.57 13.49
C PRO A 174 31.95 2.71 12.28
N GLY A 175 32.15 3.32 11.13
CA GLY A 175 32.47 2.51 9.97
C GLY A 175 31.32 1.71 9.37
N PHE A 176 30.08 2.03 9.74
CA PHE A 176 28.92 1.36 9.19
C PHE A 176 28.90 1.46 7.67
N ASN A 177 28.62 0.35 7.00
CA ASN A 177 28.62 0.30 5.53
C ASN A 177 27.26 -0.17 5.03
N GLU A 178 26.54 0.74 4.38
CA GLU A 178 25.16 0.47 3.97
C GLU A 178 25.08 -0.63 2.92
N TYR A 179 26.19 -0.84 2.19
CA TYR A 179 26.23 -1.88 1.17
C TYR A 179 26.71 -3.25 1.68
N ASP A 180 27.26 -3.29 2.90
CA ASP A 180 27.56 -4.56 3.58
C ASP A 180 26.37 -5.05 4.43
N PHE A 181 25.46 -4.14 4.79
CA PHE A 181 24.32 -4.48 5.62
C PHE A 181 23.51 -5.64 5.04
N VAL A 182 23.02 -6.49 5.94
CA VAL A 182 22.24 -7.63 5.52
C VAL A 182 20.93 -7.62 6.31
N PRO A 183 19.80 -7.54 5.61
CA PRO A 183 18.59 -7.46 6.40
C PRO A 183 18.35 -8.78 7.19
N GLU A 184 17.51 -8.69 8.18
CA GLU A 184 17.19 -9.81 9.04
C GLU A 184 16.30 -10.81 8.29
N SER A 185 16.52 -12.08 8.66
CA SER A 185 15.78 -13.18 8.11
C SER A 185 14.94 -13.75 9.24
N PHE A 186 13.68 -14.04 8.96
CA PHE A 186 12.77 -14.57 9.96
C PHE A 186 11.60 -15.23 9.23
N ASP A 187 10.74 -15.87 10.01
CA ASP A 187 9.58 -16.58 9.50
C ASP A 187 8.56 -15.54 8.99
N ARG A 188 8.34 -15.52 7.68
CA ARG A 188 7.53 -14.47 7.05
C ARG A 188 6.05 -14.71 7.27
N ASP A 189 5.70 -15.92 7.76
CA ASP A 189 4.30 -16.26 8.06
C ASP A 189 3.96 -15.81 9.44
N LYS A 190 4.93 -15.87 10.35
CA LYS A 190 4.71 -15.48 11.75
C LYS A 190 5.11 -14.03 12.04
N THR A 191 5.98 -13.43 11.23
CA THR A 191 6.41 -12.07 11.60
C THR A 191 5.54 -11.01 10.93
N ILE A 192 4.99 -10.12 11.72
CA ILE A 192 4.10 -9.11 11.17
CA ILE A 192 4.10 -9.09 11.19
C ILE A 192 4.89 -7.96 10.49
N ALA A 193 4.43 -7.59 9.30
CA ALA A 193 5.05 -6.49 8.53
C ALA A 193 4.33 -5.19 8.83
N LEU A 194 3.01 -5.20 8.68
CA LEU A 194 2.17 -4.02 8.82
C LEU A 194 1.00 -4.30 9.73
N ILE A 195 0.66 -3.33 10.58
CA ILE A 195 -0.61 -3.29 11.27
C ILE A 195 -1.40 -2.10 10.71
N MET A 196 -2.38 -2.40 9.85
CA MET A 196 -3.10 -1.35 9.11
C MET A 196 -4.38 -1.12 9.85
N ASN A 197 -4.96 0.06 9.72
CA ASN A 197 -6.23 0.29 10.41
C ASN A 197 -7.42 0.00 9.55
N SER A 198 -8.40 -0.65 10.14
CA SER A 198 -9.66 -0.86 9.46
C SER A 198 -10.47 0.41 9.38
N LEU A 204 -15.39 1.89 15.67
CA LEU A 204 -13.97 2.17 15.86
C LEU A 204 -13.10 1.20 15.08
N PRO A 205 -12.14 1.74 14.34
CA PRO A 205 -11.25 0.89 13.56
C PRO A 205 -10.55 -0.19 14.39
N LYS A 206 -10.24 -1.30 13.73
CA LYS A 206 -9.46 -2.37 14.32
C LYS A 206 -8.03 -2.32 13.73
N GLY A 207 -7.12 -3.07 14.32
CA GLY A 207 -5.78 -3.26 13.76
C GLY A 207 -5.69 -4.56 12.96
N VAL A 208 -5.28 -4.44 11.70
CA VAL A 208 -5.21 -5.55 10.81
C VAL A 208 -3.77 -5.99 10.73
N ALA A 209 -3.45 -7.15 11.29
CA ALA A 209 -2.10 -7.68 11.28
C ALA A 209 -1.78 -8.40 9.97
N LEU A 210 -0.74 -7.96 9.27
CA LEU A 210 -0.38 -8.55 7.99
C LEU A 210 1.04 -9.11 8.04
N PRO A 211 1.17 -10.44 8.04
CA PRO A 211 2.50 -11.03 7.98
C PRO A 211 3.27 -10.60 6.75
N HIS A 212 4.59 -10.70 6.81
CA HIS A 212 5.44 -10.43 5.67
C HIS A 212 5.03 -11.19 4.40
N ARG A 213 4.58 -12.43 4.58
CA ARG A 213 4.13 -13.23 3.45
C ARG A 213 3.18 -12.42 2.56
N THR A 214 2.27 -11.65 3.15
CA THR A 214 1.23 -11.01 2.33
C THR A 214 1.84 -9.97 1.39
N ALA A 215 2.82 -9.23 1.89
CA ALA A 215 3.52 -8.26 1.08
C ALA A 215 4.31 -8.96 -0.01
N CYS A 216 4.91 -10.11 0.31
CA CYS A 216 5.67 -10.88 -0.69
C CYS A 216 4.76 -11.32 -1.86
N VAL A 217 3.53 -11.69 -1.54
CA VAL A 217 2.58 -12.07 -2.61
C VAL A 217 2.20 -10.84 -3.44
N ARG A 218 1.92 -9.75 -2.73
CA ARG A 218 1.75 -8.45 -3.41
C ARG A 218 2.85 -8.14 -4.40
N PHE A 219 4.11 -8.40 -4.02
CA PHE A 219 5.24 -8.06 -4.86
C PHE A 219 5.30 -8.96 -6.08
N SER A 220 4.69 -10.14 -5.99
CA SER A 220 4.51 -10.93 -7.21
C SER A 220 3.50 -10.25 -8.15
N HIS A 221 2.34 -9.89 -7.62
CA HIS A 221 1.33 -9.19 -8.42
C HIS A 221 1.85 -7.90 -9.02
N ALA A 222 2.55 -7.10 -8.22
CA ALA A 222 2.94 -5.78 -8.66
C ALA A 222 3.74 -5.80 -9.95
N ARG A 223 4.60 -6.79 -10.10
CA ARG A 223 5.40 -6.83 -11.31
C ARG A 223 4.86 -7.82 -12.36
N ASP A 224 3.69 -8.39 -12.10
CA ASP A 224 3.04 -9.28 -13.07
C ASP A 224 2.64 -8.49 -14.29
N PRO A 225 2.99 -8.98 -15.49
CA PRO A 225 2.61 -8.27 -16.71
C PRO A 225 1.11 -8.22 -16.90
N ILE A 226 0.36 -9.09 -16.26
CA ILE A 226 -1.09 -9.05 -16.44
C ILE A 226 -1.80 -8.36 -15.28
N PHE A 227 -1.37 -8.65 -14.04
CA PHE A 227 -2.07 -8.16 -12.86
C PHE A 227 -1.39 -6.98 -12.17
N GLY A 228 -0.29 -6.52 -12.76
CA GLY A 228 0.54 -5.45 -12.19
C GLY A 228 1.01 -4.55 -13.31
N ASN A 229 2.27 -4.12 -13.24
CA ASN A 229 2.86 -3.30 -14.28
C ASN A 229 4.17 -3.98 -14.69
N GLN A 230 4.34 -4.21 -15.97
CA GLN A 230 5.58 -4.72 -16.51
C GLN A 230 6.70 -3.78 -16.08
N ILE A 231 7.85 -4.33 -15.69
CA ILE A 231 9.00 -3.50 -15.40
C ILE A 231 9.63 -2.96 -16.69
N ILE A 232 9.48 -1.66 -16.87
CA ILE A 232 10.02 -0.96 -18.01
C ILE A 232 10.72 0.31 -17.52
N PRO A 233 11.95 0.51 -17.99
CA PRO A 233 12.80 1.65 -17.63
C PRO A 233 12.05 2.97 -17.71
N ASP A 234 12.32 3.86 -16.78
CA ASP A 234 11.74 5.19 -16.78
C ASP A 234 10.22 5.23 -16.68
N THR A 235 9.65 4.24 -16.01
CA THR A 235 8.23 4.30 -15.67
C THR A 235 7.99 5.24 -14.48
N ALA A 236 6.96 6.08 -14.62
CA ALA A 236 6.60 7.03 -13.59
C ALA A 236 5.11 6.92 -13.27
N ILE A 237 4.82 6.93 -11.99
CA ILE A 237 3.47 6.84 -11.47
C ILE A 237 3.13 8.17 -10.78
N LEU A 238 1.87 8.61 -10.88
CA LEU A 238 1.37 9.74 -10.07
C LEU A 238 0.35 9.22 -9.10
N SER A 239 0.68 9.34 -7.82
CA SER A 239 -0.17 8.81 -6.77
C SER A 239 -0.62 9.88 -5.79
N VAL A 240 -1.93 10.07 -5.70
CA VAL A 240 -2.53 10.97 -4.73
CA VAL A 240 -2.47 10.98 -4.71
C VAL A 240 -3.22 10.22 -3.59
N VAL A 241 -3.10 8.91 -3.56
CA VAL A 241 -3.77 8.17 -2.52
C VAL A 241 -2.92 8.05 -1.23
N PRO A 242 -3.58 8.07 -0.06
CA PRO A 242 -2.81 8.08 1.17
C PRO A 242 -1.96 6.82 1.37
N PHE A 243 -0.70 7.05 1.69
CA PHE A 243 0.27 5.98 1.91
C PHE A 243 -0.05 5.14 3.16
N HIS A 244 -0.79 5.67 4.11
CA HIS A 244 -1.09 4.93 5.35
C HIS A 244 -2.26 3.98 5.18
N HIS A 245 -2.91 4.01 4.03
CA HIS A 245 -4.02 3.13 3.72
C HIS A 245 -3.52 2.09 2.74
N GLY A 246 -4.18 0.93 2.74
CA GLY A 246 -3.69 -0.24 1.94
C GLY A 246 -3.56 -0.01 0.44
N PHE A 247 -4.43 0.82 -0.13
CA PHE A 247 -4.33 1.16 -1.55
C PHE A 247 -2.97 1.86 -1.81
N GLY A 248 -2.69 2.93 -1.07
CA GLY A 248 -1.39 3.60 -1.22
C GLY A 248 -0.18 2.83 -0.72
N MET A 249 -0.31 2.12 0.39
CA MET A 249 0.82 1.38 1.01
C MET A 249 1.35 0.32 0.06
N PHE A 250 0.43 -0.51 -0.46
CA PHE A 250 0.87 -1.68 -1.19
C PHE A 250 1.08 -1.49 -2.69
N THR A 251 0.47 -0.46 -3.27
CA THR A 251 0.88 -0.06 -4.61
C THR A 251 2.31 0.50 -4.54
N THR A 252 2.58 1.35 -3.55
CA THR A 252 3.89 2.03 -3.49
C THR A 252 5.00 1.07 -3.22
N LEU A 253 4.84 0.16 -2.28
CA LEU A 253 5.86 -0.86 -2.04
C LEU A 253 6.16 -1.63 -3.32
N GLY A 254 5.11 -1.96 -4.09
CA GLY A 254 5.30 -2.65 -5.35
C GLY A 254 6.05 -1.81 -6.37
N TYR A 255 5.75 -0.52 -6.41
CA TYR A 255 6.47 0.36 -7.33
C TYR A 255 7.95 0.45 -7.01
N LEU A 256 8.29 0.46 -5.73
CA LEU A 256 9.70 0.45 -5.31
C LEU A 256 10.38 -0.85 -5.72
N ILE A 257 9.70 -1.98 -5.52
CA ILE A 257 10.20 -3.26 -5.99
C ILE A 257 10.46 -3.19 -7.49
N CYS A 258 9.62 -2.42 -8.20
CA CYS A 258 9.74 -2.30 -9.66
C CYS A 258 10.74 -1.25 -10.16
N GLY A 259 11.31 -0.45 -9.26
CA GLY A 259 12.22 0.61 -9.66
C GLY A 259 11.58 1.85 -10.30
N PHE A 260 10.26 2.00 -10.11
CA PHE A 260 9.56 3.13 -10.69
C PHE A 260 9.84 4.43 -9.98
N ARG A 261 9.52 5.50 -10.69
CA ARG A 261 9.51 6.83 -10.12
C ARG A 261 8.10 7.12 -9.59
N VAL A 262 7.98 7.25 -8.28
CA VAL A 262 6.67 7.56 -7.66
C VAL A 262 6.55 9.06 -7.35
N VAL A 263 5.73 9.72 -8.15
CA VAL A 263 5.50 11.14 -8.02
C VAL A 263 4.29 11.24 -7.12
N LEU A 264 4.45 11.98 -6.03
CA LEU A 264 3.42 12.04 -5.00
C LEU A 264 2.82 13.42 -4.88
N MET A 265 1.56 13.42 -4.48
CA MET A 265 0.86 14.58 -4.01
C MET A 265 0.18 14.21 -2.69
N TYR A 266 0.11 15.18 -1.81
CA TYR A 266 -0.57 14.96 -0.55
C TYR A 266 -1.83 15.80 -0.48
N ARG A 267 -2.03 16.68 -1.45
CA ARG A 267 -3.27 17.44 -1.58
C ARG A 267 -3.70 17.45 -3.04
N PHE A 268 -4.92 17.01 -3.33
CA PHE A 268 -5.39 17.09 -4.69
C PHE A 268 -5.59 18.53 -5.15
N GLU A 269 -5.06 18.84 -6.34
CA GLU A 269 -5.38 20.09 -7.03
C GLU A 269 -5.46 19.83 -8.54
N GLU A 270 -6.45 20.40 -9.20
CA GLU A 270 -6.72 20.07 -10.60
C GLU A 270 -5.54 20.39 -11.51
N GLU A 271 -5.07 21.64 -11.49
CA GLU A 271 -3.99 22.05 -12.39
C GLU A 271 -2.68 21.30 -12.10
N LEU A 272 -2.31 21.21 -10.83
CA LEU A 272 -1.08 20.52 -10.44
C LEU A 272 -1.10 19.07 -10.86
N PHE A 273 -2.25 18.42 -10.67
CA PHE A 273 -2.39 17.03 -11.03
C PHE A 273 -2.20 16.84 -12.55
N LEU A 274 -2.95 17.59 -13.37
CA LEU A 274 -2.79 17.51 -14.83
C LEU A 274 -1.42 17.94 -15.34
N ARG A 275 -0.87 19.03 -14.80
CA ARG A 275 0.42 19.48 -15.22
C ARG A 275 1.50 18.46 -14.83
N SER A 276 1.35 17.84 -13.67
CA SER A 276 2.26 16.78 -13.27
C SER A 276 2.13 15.56 -14.23
N LEU A 277 0.92 15.11 -14.55
CA LEU A 277 0.78 14.09 -15.58
C LEU A 277 1.56 14.44 -16.86
N GLN A 278 1.39 15.65 -17.35
CA GLN A 278 2.06 16.08 -18.57
C GLN A 278 3.57 16.11 -18.37
N ASP A 279 4.01 16.87 -17.37
CA ASP A 279 5.41 17.23 -17.29
C ASP A 279 6.29 16.12 -16.80
N TYR A 280 5.76 15.23 -15.97
CA TYR A 280 6.55 14.12 -15.51
C TYR A 280 6.32 12.91 -16.42
N LYS A 281 5.61 13.12 -17.53
CA LYS A 281 5.37 12.06 -18.51
C LYS A 281 4.86 10.79 -17.85
N ILE A 282 3.88 10.98 -16.99
CA ILE A 282 3.35 9.92 -16.21
C ILE A 282 2.69 8.83 -17.05
N GLN A 283 2.97 7.57 -16.67
CA GLN A 283 2.42 6.43 -17.38
C GLN A 283 1.17 5.92 -16.72
N SER A 284 1.14 6.00 -15.40
CA SER A 284 0.04 5.44 -14.62
C SER A 284 -0.34 6.35 -13.45
N ALA A 285 -1.63 6.66 -13.31
CA ALA A 285 -2.11 7.53 -12.22
C ALA A 285 -3.12 6.80 -11.36
N LEU A 286 -3.00 6.99 -10.05
CA LEU A 286 -3.84 6.34 -9.07
C LEU A 286 -4.82 7.31 -8.47
N LEU A 287 -6.11 7.01 -8.61
CA LEU A 287 -7.18 7.83 -8.00
C LEU A 287 -8.21 6.99 -7.19
N VAL A 288 -9.05 7.67 -6.43
CA VAL A 288 -10.19 7.06 -5.76
C VAL A 288 -11.43 7.54 -6.45
N PRO A 289 -12.54 6.79 -6.30
CA PRO A 289 -13.70 7.11 -7.11
C PRO A 289 -14.19 8.54 -6.99
N THR A 290 -14.03 9.19 -5.85
CA THR A 290 -14.57 10.56 -5.78
C THR A 290 -13.71 11.48 -6.65
N LEU A 291 -12.46 11.11 -6.89
CA LEU A 291 -11.64 11.88 -7.84
C LEU A 291 -11.99 11.55 -9.32
N PHE A 292 -12.53 10.36 -9.58
CA PHE A 292 -13.15 10.04 -10.87
C PHE A 292 -14.37 10.92 -11.15
N SER A 293 -15.29 11.04 -10.19
CA SER A 293 -16.39 11.97 -10.37
C SER A 293 -15.83 13.35 -10.65
N PHE A 294 -14.74 13.70 -9.96
CA PHE A 294 -14.18 15.02 -10.18
C PHE A 294 -13.76 15.13 -11.64
N PHE A 295 -13.03 14.15 -12.16
CA PHE A 295 -12.51 14.29 -13.51
C PHE A 295 -13.56 14.09 -14.62
N ALA A 296 -14.69 13.48 -14.26
CA ALA A 296 -15.83 13.41 -15.14
C ALA A 296 -16.47 14.80 -15.26
N LYS A 297 -16.14 15.72 -14.35
CA LYS A 297 -16.67 17.09 -14.42
C LYS A 297 -15.67 18.04 -15.10
N SER A 298 -14.39 17.72 -15.02
CA SER A 298 -13.30 18.56 -15.49
C SER A 298 -13.39 18.83 -16.98
N THR A 299 -13.10 20.06 -17.39
CA THR A 299 -12.98 20.36 -18.81
C THR A 299 -11.52 20.71 -19.15
N LEU A 300 -10.63 20.74 -18.18
CA LEU A 300 -9.25 21.20 -18.46
C LEU A 300 -8.33 20.12 -19.02
N ILE A 301 -8.80 18.88 -19.03
CA ILE A 301 -7.96 17.75 -19.35
C ILE A 301 -7.37 17.93 -20.74
N ASP A 302 -8.17 18.43 -21.68
CA ASP A 302 -7.64 18.48 -23.03
C ASP A 302 -6.74 19.66 -23.29
N LYS A 303 -6.41 20.44 -22.26
CA LYS A 303 -5.42 21.51 -22.43
C LYS A 303 -4.02 20.98 -22.15
N TYR A 304 -3.91 19.71 -21.76
CA TYR A 304 -2.62 19.14 -21.41
C TYR A 304 -2.20 18.03 -22.38
N ASP A 305 -0.90 17.85 -22.55
CA ASP A 305 -0.42 16.75 -23.39
C ASP A 305 -0.23 15.51 -22.54
N LEU A 306 -1.19 14.60 -22.62
CA LEU A 306 -1.17 13.40 -21.83
C LEU A 306 -0.89 12.16 -22.68
N SER A 307 -0.11 12.33 -23.74
CA SER A 307 0.14 11.24 -24.65
C SER A 307 1.04 10.13 -24.08
N ASN A 308 1.68 10.35 -22.93
CA ASN A 308 2.44 9.28 -22.30
C ASN A 308 1.62 8.43 -21.34
N LEU A 309 0.43 8.88 -21.03
CA LEU A 309 -0.39 8.19 -20.07
C LEU A 309 -0.93 6.90 -20.65
N HIS A 310 -0.67 5.78 -19.95
CA HIS A 310 -1.13 4.45 -20.36
C HIS A 310 -2.35 4.02 -19.55
N GLU A 311 -2.46 4.42 -18.28
CA GLU A 311 -3.55 3.91 -17.45
C GLU A 311 -3.94 4.82 -16.30
N ILE A 312 -5.21 4.74 -15.91
CA ILE A 312 -5.67 5.30 -14.68
C ILE A 312 -6.32 4.24 -13.82
N ALA A 313 -5.90 4.17 -12.56
CA ALA A 313 -6.31 3.09 -11.69
C ALA A 313 -7.20 3.65 -10.61
N SER A 314 -8.17 2.84 -10.22
CA SER A 314 -9.15 3.20 -9.20
C SER A 314 -9.33 1.99 -8.31
N GLY A 315 -9.65 2.26 -7.04
CA GLY A 315 -10.01 1.23 -6.09
C GLY A 315 -10.53 1.89 -4.83
N GLY A 316 -11.10 1.09 -3.94
CA GLY A 316 -11.39 1.58 -2.58
C GLY A 316 -12.88 1.83 -2.38
N ALA A 317 -13.63 1.81 -3.48
CA ALA A 317 -15.05 2.10 -3.44
C ALA A 317 -15.61 1.87 -4.80
N PRO A 318 -16.94 1.78 -4.88
CA PRO A 318 -17.69 1.55 -6.09
C PRO A 318 -17.45 2.66 -7.11
N LEU A 319 -17.20 2.26 -8.34
CA LEU A 319 -17.06 3.18 -9.46
C LEU A 319 -18.14 2.76 -10.45
N SER A 320 -19.04 3.66 -10.82
CA SER A 320 -20.01 3.30 -11.84
C SER A 320 -19.36 3.15 -13.20
N LYS A 321 -19.89 2.23 -13.99
CA LYS A 321 -19.32 2.00 -15.28
C LYS A 321 -19.38 3.25 -16.18
N GLU A 322 -20.42 4.08 -16.05
CA GLU A 322 -20.51 5.22 -16.94
C GLU A 322 -19.53 6.33 -16.53
N VAL A 323 -19.34 6.54 -15.24
CA VAL A 323 -18.35 7.51 -14.80
C VAL A 323 -16.97 7.04 -15.28
N GLY A 324 -16.71 5.75 -15.16
CA GLY A 324 -15.47 5.19 -15.66
C GLY A 324 -15.28 5.38 -17.15
N GLU A 325 -16.33 5.12 -17.93
CA GLU A 325 -16.21 5.29 -19.39
C GLU A 325 -15.96 6.75 -19.75
N ALA A 326 -16.62 7.65 -19.06
CA ALA A 326 -16.44 9.10 -19.28
C ALA A 326 -15.02 9.59 -18.98
N VAL A 327 -14.43 9.08 -17.89
CA VAL A 327 -13.07 9.47 -17.52
C VAL A 327 -12.07 8.87 -18.51
N ALA A 328 -12.25 7.60 -18.85
CA ALA A 328 -11.36 6.95 -19.79
C ALA A 328 -11.37 7.72 -21.12
N LYS A 329 -12.55 8.10 -21.56
CA LYS A 329 -12.68 8.80 -22.84
C LYS A 329 -12.00 10.18 -22.78
N ARG A 330 -12.20 10.90 -21.68
CA ARG A 330 -11.59 12.23 -21.52
C ARG A 330 -10.07 12.16 -21.55
N PHE A 331 -9.52 11.05 -21.04
CA PHE A 331 -8.07 10.88 -20.95
C PHE A 331 -7.53 10.06 -22.13
N HIS A 332 -8.40 9.78 -23.10
CA HIS A 332 -8.05 9.06 -24.31
C HIS A 332 -7.46 7.69 -23.99
N LEU A 333 -8.09 6.99 -23.06
CA LEU A 333 -7.69 5.63 -22.69
C LEU A 333 -8.78 4.66 -23.10
N PRO A 334 -8.41 3.41 -23.40
CA PRO A 334 -9.38 2.37 -23.77
C PRO A 334 -10.25 1.98 -22.61
N GLY A 335 -9.74 2.13 -21.40
CA GLY A 335 -10.51 1.73 -20.21
C GLY A 335 -9.85 2.22 -18.92
N ILE A 336 -10.28 1.64 -17.80
CA ILE A 336 -9.85 1.97 -16.45
C ILE A 336 -9.26 0.72 -15.81
N ARG A 337 -8.16 0.87 -15.09
CA ARG A 337 -7.55 -0.24 -14.36
C ARG A 337 -8.12 -0.29 -12.94
N GLN A 338 -9.14 -1.12 -12.70
CA GLN A 338 -9.76 -1.17 -11.39
C GLN A 338 -9.13 -2.18 -10.51
N GLY A 339 -9.26 -1.99 -9.20
CA GLY A 339 -8.87 -3.02 -8.24
C GLY A 339 -9.86 -3.05 -7.10
N TYR A 340 -10.12 -4.23 -6.58
CA TYR A 340 -10.98 -4.37 -5.42
C TYR A 340 -10.19 -5.10 -4.38
N GLY A 341 -10.18 -4.53 -3.19
CA GLY A 341 -9.56 -5.18 -2.06
C GLY A 341 -10.08 -4.59 -0.77
N LEU A 342 -9.71 -5.21 0.32
CA LEU A 342 -9.95 -4.66 1.64
C LEU A 342 -8.63 -4.58 2.40
N THR A 343 -8.64 -3.80 3.47
CA THR A 343 -7.48 -3.72 4.32
C THR A 343 -7.11 -5.15 4.78
N GLU A 344 -8.13 -5.94 5.09
CA GLU A 344 -7.99 -7.33 5.57
C GLU A 344 -7.46 -8.31 4.52
N THR A 345 -7.34 -7.86 3.28
CA THR A 345 -6.78 -8.69 2.23
C THR A 345 -5.47 -8.11 1.72
N THR A 346 -4.91 -7.17 2.48
CA THR A 346 -3.61 -6.52 2.17
C THR A 346 -3.77 -5.51 1.03
N SER A 347 -4.00 -6.04 -0.17
CA SER A 347 -4.11 -5.26 -1.38
C SER A 347 -5.30 -5.78 -2.23
N ALA A 348 -5.33 -5.41 -3.50
CA ALA A 348 -6.43 -5.80 -4.36
C ALA A 348 -6.32 -7.30 -4.64
N ILE A 349 -7.42 -8.04 -4.51
CA ILE A 349 -7.44 -9.45 -4.90
C ILE A 349 -8.30 -9.70 -6.14
N LEU A 350 -8.97 -8.66 -6.62
CA LEU A 350 -9.53 -8.63 -7.96
C LEU A 350 -8.91 -7.44 -8.65
N ILE A 351 -8.27 -7.67 -9.81
CA ILE A 351 -7.62 -6.60 -10.55
C ILE A 351 -7.91 -6.72 -12.04
N THR A 352 -8.17 -5.58 -12.69
CA THR A 352 -8.29 -5.52 -14.14
C THR A 352 -7.05 -6.10 -14.81
N PRO A 353 -7.20 -7.22 -15.54
CA PRO A 353 -6.07 -7.76 -16.27
C PRO A 353 -5.68 -6.85 -17.44
N GLU A 354 -4.37 -6.65 -17.63
CA GLU A 354 -3.86 -5.75 -18.64
C GLU A 354 -4.32 -6.22 -20.02
N GLY A 355 -4.95 -5.30 -20.76
CA GLY A 355 -5.49 -5.61 -22.08
C GLY A 355 -6.85 -6.30 -22.09
N ASP A 356 -7.41 -6.58 -20.92
CA ASP A 356 -8.62 -7.38 -20.87
C ASP A 356 -9.61 -6.71 -19.95
N ASP A 357 -9.73 -5.39 -20.11
CA ASP A 357 -10.61 -4.62 -19.26
C ASP A 357 -12.04 -4.73 -19.79
N LYS A 358 -13.00 -4.65 -18.89
CA LYS A 358 -14.42 -4.69 -19.22
C LYS A 358 -15.14 -3.62 -18.39
N PRO A 359 -15.73 -2.60 -19.04
CA PRO A 359 -16.28 -1.48 -18.27
C PRO A 359 -17.25 -1.91 -17.18
N GLY A 360 -17.04 -1.37 -15.99
CA GLY A 360 -17.89 -1.63 -14.86
C GLY A 360 -17.41 -2.80 -14.02
N ALA A 361 -16.46 -3.57 -14.54
CA ALA A 361 -15.93 -4.71 -13.81
C ALA A 361 -14.83 -4.24 -12.88
N VAL A 362 -14.59 -5.03 -11.87
CA VAL A 362 -13.55 -4.78 -10.91
C VAL A 362 -12.37 -5.73 -11.25
N GLY A 363 -12.50 -6.49 -12.32
CA GLY A 363 -11.40 -7.33 -12.78
C GLY A 363 -11.56 -8.82 -12.47
N LYS A 364 -10.42 -9.50 -12.44
CA LYS A 364 -10.37 -10.95 -12.22
C LYS A 364 -9.53 -11.30 -11.00
N VAL A 365 -9.75 -12.50 -10.46
CA VAL A 365 -8.98 -13.00 -9.33
C VAL A 365 -7.48 -13.02 -9.62
N VAL A 366 -6.71 -12.48 -8.68
CA VAL A 366 -5.26 -12.42 -8.84
C VAL A 366 -4.61 -13.76 -8.57
N PRO A 367 -3.39 -13.96 -9.08
CA PRO A 367 -2.68 -15.18 -8.74
C PRO A 367 -2.64 -15.49 -7.24
N PHE A 368 -2.73 -16.78 -6.94
CA PHE A 368 -2.72 -17.36 -5.60
C PHE A 368 -4.07 -17.25 -4.90
N PHE A 369 -5.03 -16.53 -5.47
CA PHE A 369 -6.29 -16.39 -4.75
C PHE A 369 -7.42 -17.23 -5.32
N GLU A 370 -8.49 -17.34 -4.57
CA GLU A 370 -9.72 -17.83 -5.12
C GLU A 370 -10.86 -16.97 -4.61
N ALA A 371 -11.93 -16.88 -5.41
CA ALA A 371 -13.09 -16.09 -5.02
C ALA A 371 -14.38 -16.83 -5.39
N LYS A 372 -15.42 -16.65 -4.59
CA LYS A 372 -16.73 -17.23 -4.93
C LYS A 372 -17.77 -16.24 -4.48
N VAL A 373 -19.00 -16.38 -4.96
CA VAL A 373 -20.11 -15.66 -4.36
C VAL A 373 -21.11 -16.68 -3.83
N VAL A 374 -21.67 -16.38 -2.67
CA VAL A 374 -22.50 -17.33 -1.98
C VAL A 374 -23.87 -16.74 -1.78
N ASP A 375 -24.87 -17.61 -1.89
CA ASP A 375 -26.26 -17.21 -1.75
C ASP A 375 -26.46 -16.58 -0.40
N LEU A 376 -27.10 -15.41 -0.37
CA LEU A 376 -27.36 -14.73 0.89
C LEU A 376 -28.33 -15.52 1.78
N ASP A 377 -28.82 -16.65 1.27
CA ASP A 377 -29.74 -17.51 2.00
C ASP A 377 -29.16 -18.91 2.24
N THR A 378 -28.85 -19.59 1.16
CA THR A 378 -28.49 -20.98 1.24
C THR A 378 -27.00 -21.15 1.51
N GLY A 379 -26.27 -20.04 1.51
CA GLY A 379 -24.87 -20.05 1.87
C GLY A 379 -24.15 -20.88 0.85
N LYS A 380 -24.90 -21.36 -0.14
CA LYS A 380 -24.31 -22.14 -1.21
C LYS A 380 -23.58 -21.27 -2.20
N THR A 381 -22.64 -21.91 -2.89
CA THR A 381 -21.85 -21.27 -3.90
C THR A 381 -22.69 -21.10 -5.15
N LEU A 382 -22.63 -19.93 -5.77
CA LEU A 382 -23.45 -19.67 -6.92
C LEU A 382 -22.67 -19.81 -8.20
N GLY A 383 -23.40 -19.94 -9.29
CA GLY A 383 -22.80 -20.03 -10.61
C GLY A 383 -22.71 -18.67 -11.27
N VAL A 384 -22.42 -18.70 -12.56
CA VAL A 384 -22.13 -17.51 -13.31
C VAL A 384 -23.35 -16.59 -13.37
N ASN A 385 -23.07 -15.30 -13.24
CA ASN A 385 -24.07 -14.27 -13.36
C ASN A 385 -25.05 -14.27 -12.24
N GLN A 386 -24.71 -14.90 -11.13
CA GLN A 386 -25.60 -14.90 -10.00
C GLN A 386 -25.04 -14.04 -8.90
N ARG A 387 -25.90 -13.25 -8.29
CA ARG A 387 -25.49 -12.30 -7.26
C ARG A 387 -25.54 -12.92 -5.89
N GLY A 388 -24.46 -12.72 -5.12
CA GLY A 388 -24.41 -13.14 -3.74
C GLY A 388 -23.25 -12.47 -3.02
N GLU A 389 -22.94 -12.91 -1.81
CA GLU A 389 -21.84 -12.28 -1.09
C GLU A 389 -20.49 -12.81 -1.55
N LEU A 390 -19.60 -11.87 -1.82
CA LEU A 390 -18.25 -12.18 -2.30
C LEU A 390 -17.38 -12.66 -1.14
N CYS A 391 -16.71 -13.78 -1.34
CA CYS A 391 -15.86 -14.43 -0.35
C CYS A 391 -14.54 -14.70 -1.07
N VAL A 392 -13.43 -14.53 -0.38
CA VAL A 392 -12.14 -14.73 -1.00
C VAL A 392 -11.22 -15.47 -0.06
N ARG A 393 -10.25 -16.15 -0.62
CA ARG A 393 -9.34 -16.97 0.17
C ARG A 393 -8.00 -16.98 -0.52
N GLY A 394 -6.95 -16.74 0.25
CA GLY A 394 -5.63 -16.59 -0.34
C GLY A 394 -4.58 -16.10 0.63
N PRO A 395 -3.31 -16.10 0.20
CA PRO A 395 -2.23 -15.85 1.14
C PRO A 395 -1.97 -14.36 1.48
N MET A 396 -2.86 -13.45 1.09
CA MET A 396 -2.74 -12.06 1.49
C MET A 396 -3.76 -11.72 2.54
N ILE A 397 -4.61 -12.69 2.89
CA ILE A 397 -5.56 -12.45 3.97
C ILE A 397 -4.82 -12.23 5.28
N MET A 398 -5.28 -11.29 6.11
CA MET A 398 -4.64 -10.98 7.36
C MET A 398 -4.57 -12.20 8.29
N SER A 399 -3.59 -12.16 9.19
CA SER A 399 -3.49 -13.19 10.20
C SER A 399 -4.63 -12.99 11.21
N GLY A 400 -5.09 -11.76 11.36
CA GLY A 400 -6.17 -11.45 12.29
C GLY A 400 -6.23 -10.01 12.72
N TYR A 401 -7.34 -9.62 13.36
CA TYR A 401 -7.42 -8.32 13.97
C TYR A 401 -6.64 -8.42 15.26
N VAL A 402 -5.89 -7.36 15.58
CA VAL A 402 -5.00 -7.39 16.72
C VAL A 402 -5.79 -7.47 18.03
N ASN A 403 -5.54 -8.50 18.82
CA ASN A 403 -6.20 -8.70 20.09
CA ASN A 403 -6.19 -8.63 20.10
C ASN A 403 -7.73 -8.62 19.96
N ASN A 404 -8.26 -9.20 18.88
CA ASN A 404 -9.71 -9.23 18.66
C ASN A 404 -10.14 -10.47 17.86
N PRO A 405 -9.93 -11.65 18.44
CA PRO A 405 -10.24 -12.84 17.67
C PRO A 405 -11.75 -13.05 17.41
N GLU A 406 -12.64 -12.45 18.19
CA GLU A 406 -14.07 -12.61 17.91
C GLU A 406 -14.40 -11.97 16.57
N ALA A 407 -13.96 -10.72 16.41
CA ALA A 407 -14.11 -10.03 15.14
C ALA A 407 -13.43 -10.82 14.01
N THR A 408 -12.31 -11.45 14.28
CA THR A 408 -11.63 -12.20 13.23
C THR A 408 -12.47 -13.41 12.77
N ASN A 409 -13.01 -14.10 13.76
CA ASN A 409 -13.82 -15.29 13.52
C ASN A 409 -15.12 -14.95 12.86
N ALA A 410 -15.64 -13.77 13.14
CA ALA A 410 -16.84 -13.30 12.48
C ALA A 410 -16.58 -13.05 10.99
N LEU A 411 -15.36 -12.70 10.61
CA LEU A 411 -15.06 -12.32 9.23
C LEU A 411 -14.55 -13.49 8.41
N ILE A 412 -13.75 -14.33 9.06
CA ILE A 412 -13.09 -15.40 8.32
C ILE A 412 -13.56 -16.72 8.92
N ASP A 413 -14.07 -17.61 8.08
CA ASP A 413 -14.64 -18.85 8.61
C ASP A 413 -13.57 -19.93 8.70
N LYS A 414 -13.95 -21.09 9.21
CA LYS A 414 -13.01 -22.17 9.47
C LYS A 414 -12.23 -22.64 8.26
N ASP A 415 -12.76 -22.46 7.06
CA ASP A 415 -12.06 -22.97 5.87
C ASP A 415 -11.17 -21.90 5.21
N GLY A 416 -10.99 -20.77 5.88
CA GLY A 416 -10.13 -19.72 5.36
C GLY A 416 -10.83 -18.66 4.52
N TRP A 417 -12.15 -18.76 4.36
CA TRP A 417 -12.85 -17.81 3.48
C TRP A 417 -13.15 -16.54 4.21
N LEU A 418 -12.70 -15.43 3.61
CA LEU A 418 -13.06 -14.11 4.13
C LEU A 418 -14.38 -13.65 3.50
N HIS A 419 -15.34 -13.29 4.34
CA HIS A 419 -16.64 -12.88 3.87
C HIS A 419 -16.69 -11.37 3.79
N SER A 420 -16.60 -10.84 2.57
CA SER A 420 -16.34 -9.41 2.36
C SER A 420 -17.44 -8.52 2.84
N GLY A 421 -18.68 -9.01 2.81
CA GLY A 421 -19.82 -8.13 3.06
C GLY A 421 -20.27 -7.37 1.81
N ASP A 422 -19.59 -7.59 0.71
CA ASP A 422 -19.96 -7.00 -0.55
C ASP A 422 -20.78 -8.00 -1.39
N ILE A 423 -21.74 -7.50 -2.16
CA ILE A 423 -22.49 -8.29 -3.14
C ILE A 423 -21.91 -8.19 -4.54
N ALA A 424 -21.69 -9.34 -5.18
CA ALA A 424 -20.98 -9.39 -6.46
C ALA A 424 -21.53 -10.47 -7.41
N TYR A 425 -21.11 -10.44 -8.67
CA TYR A 425 -21.27 -11.62 -9.50
C TYR A 425 -20.09 -11.69 -10.42
N TRP A 426 -19.86 -12.87 -10.98
CA TRP A 426 -18.84 -13.03 -12.00
C TRP A 426 -19.49 -13.51 -13.30
N ASP A 427 -18.86 -13.18 -14.42
CA ASP A 427 -19.39 -13.50 -15.73
C ASP A 427 -18.59 -14.62 -16.42
N GLU A 428 -18.90 -14.87 -17.68
CA GLU A 428 -18.37 -16.05 -18.36
C GLU A 428 -16.92 -15.86 -18.80
N ASP A 429 -16.41 -14.64 -18.70
CA ASP A 429 -14.99 -14.42 -18.89
C ASP A 429 -14.27 -14.39 -17.53
N GLU A 430 -15.03 -14.63 -16.46
CA GLU A 430 -14.53 -14.59 -15.09
C GLU A 430 -14.18 -13.18 -14.56
N HIS A 431 -14.74 -12.16 -15.22
CA HIS A 431 -14.75 -10.78 -14.70
C HIS A 431 -15.76 -10.67 -13.57
N PHE A 432 -15.37 -9.97 -12.51
CA PHE A 432 -16.20 -9.70 -11.34
C PHE A 432 -16.85 -8.29 -11.33
N PHE A 433 -18.06 -8.19 -10.81
CA PHE A 433 -18.79 -6.92 -10.75
C PHE A 433 -19.27 -6.76 -9.34
N ILE A 434 -18.90 -5.66 -8.72
CA ILE A 434 -19.39 -5.37 -7.38
C ILE A 434 -20.66 -4.57 -7.55
N VAL A 435 -21.70 -4.97 -6.83
CA VAL A 435 -23.03 -4.54 -7.18
C VAL A 435 -23.76 -3.93 -5.98
N ASP A 436 -23.33 -4.28 -4.78
CA ASP A 436 -24.01 -3.80 -3.61
C ASP A 436 -23.22 -4.18 -2.36
N ARG A 437 -23.71 -3.72 -1.22
CA ARG A 437 -23.14 -4.13 0.05
C ARG A 437 -24.26 -4.47 1.03
N LEU A 438 -23.97 -5.37 1.94
CA LEU A 438 -24.97 -5.82 2.92
C LEU A 438 -25.41 -4.71 3.86
#